data_5ZYN
#
_entry.id   5ZYN
#
_cell.length_a   43.882
_cell.length_b   109.321
_cell.length_c   49.932
_cell.angle_alpha   90.00
_cell.angle_beta   112.25
_cell.angle_gamma   90.00
#
_symmetry.space_group_name_H-M   'P 1 21 1'
#
loop_
_entity.id
_entity.type
_entity.pdbx_description
1 polymer 'Fumarate reductase 2'
2 non-polymer 'SUCCINIC ACID'
3 non-polymer 'FLAVIN MONONUCLEOTIDE'
4 non-polymer 'FLAVIN-ADENINE DINUCLEOTIDE'
5 water water
#
_entity_poly.entity_id   1
_entity_poly.type   'polypeptide(L)'
_entity_poly.pdbx_seq_one_letter_code
;ASMKQPVVVIGSGLAGLTTSNRLISKYRIPVVLLDKAASIGGNSIKASSGINGAHTDTQQNLKVMDTPELFLKDTLHSAK
GRGVPSLMDKLTKESKSAIRWLQTEFDLKLDLLAQLGGHSVPRTHRSSGKLPPGFEIVQALSKKLKDISSKDSNLVQIML
NSEVVDIELDNQGHVTGVVYMDENGNRKIMKSHHVVFCSGGFGYSKEMLKEYSPNLIHLPTTNGKQTTGDGQKILSKLGA
ELIDMDQVQVHPTGFIDPNDRENNWKFLAAEALRGLGGILLHPTTGRRFTNELSTRDTVTMEIQSKCPKNDNRALLVMSD
KVYENYTNNINFYMSKNLIKKVSINDLIRQYDLQTTASELVTELKSYSDVNTKDTFDRPLIINAFDKDISTESTVYVGEV
TPVVHFTMGGVKINEKSQVIKKNSESVLSNGIFAAGEVSGGVHGANRLGGSSLLECVVFGKTAADNIAKLY
;
_entity_poly.pdbx_strand_id   B
#
loop_
_chem_comp.id
_chem_comp.type
_chem_comp.name
_chem_comp.formula
FAD non-polymer 'FLAVIN-ADENINE DINUCLEOTIDE' 'C27 H33 N9 O15 P2'
FMN non-polymer 'FLAVIN MONONUCLEOTIDE' 'C17 H21 N4 O9 P'
SIN non-polymer 'SUCCINIC ACID' 'C4 H6 O4'
#
# COMPACT_ATOMS: atom_id res chain seq x y z
N ALA A 1 13.43 25.78 -15.48
CA ALA A 1 12.47 26.85 -15.21
C ALA A 1 13.14 27.98 -14.43
N SER A 2 12.62 29.19 -14.59
CA SER A 2 13.02 30.31 -13.74
C SER A 2 12.34 30.17 -12.38
N MET A 3 13.11 30.34 -11.32
CA MET A 3 12.60 30.09 -9.97
C MET A 3 11.57 31.13 -9.54
N LYS A 4 10.39 30.67 -9.17
CA LYS A 4 9.32 31.57 -8.76
C LYS A 4 8.91 31.18 -7.35
N GLN A 5 7.61 31.19 -7.08
CA GLN A 5 7.13 30.68 -5.80
C GLN A 5 7.21 29.15 -5.81
N PRO A 6 7.42 28.56 -4.63
CA PRO A 6 7.54 27.10 -4.60
C PRO A 6 6.25 26.40 -4.97
N VAL A 7 6.39 25.18 -5.46
CA VAL A 7 5.30 24.23 -5.50
C VAL A 7 5.19 23.63 -4.11
N VAL A 8 3.99 23.67 -3.53
CA VAL A 8 3.82 23.04 -2.22
C VAL A 8 3.31 21.62 -2.37
N VAL A 9 4.08 20.66 -1.86
CA VAL A 9 3.72 19.26 -1.87
C VAL A 9 3.32 18.89 -0.47
N ILE A 10 2.08 18.41 -0.32
CA ILE A 10 1.53 18.10 0.99
C ILE A 10 1.64 16.60 1.25
N GLY A 11 2.53 16.20 2.14
CA GLY A 11 2.72 14.79 2.43
C GLY A 11 4.03 14.20 1.90
N SER A 12 4.76 13.51 2.76
CA SER A 12 6.08 12.99 2.42
C SER A 12 6.08 11.47 2.34
N GLY A 13 4.94 10.89 1.96
CA GLY A 13 4.89 9.48 1.56
C GLY A 13 5.45 9.33 0.15
N LEU A 14 5.25 8.18 -0.50
CA LEU A 14 5.87 7.99 -1.81
C LEU A 14 5.28 8.94 -2.88
N ALA A 15 4.01 9.31 -2.76
CA ALA A 15 3.42 10.21 -3.76
C ALA A 15 4.09 11.57 -3.69
N GLY A 16 4.25 12.08 -2.47
CA GLY A 16 4.90 13.36 -2.29
C GLY A 16 6.38 13.33 -2.59
N LEU A 17 7.05 12.24 -2.21
CA LEU A 17 8.50 12.18 -2.45
C LEU A 17 8.77 12.04 -3.94
N THR A 18 7.88 11.33 -4.65
CA THR A 18 8.01 11.22 -6.10
C THR A 18 7.82 12.58 -6.79
N THR A 19 6.73 13.25 -6.42
CA THR A 19 6.39 14.54 -6.99
C THR A 19 7.55 15.53 -6.78
N SER A 20 8.05 15.59 -5.56
CA SER A 20 9.14 16.50 -5.25
C SER A 20 10.40 16.20 -6.05
N ASN A 21 10.83 14.95 -6.05
CA ASN A 21 12.04 14.58 -6.79
C ASN A 21 11.95 14.90 -8.29
N ARG A 22 10.81 14.59 -8.88
CA ARG A 22 10.66 14.87 -10.30
C ARG A 22 10.69 16.38 -10.59
N LEU A 23 10.02 17.18 -9.76
CA LEU A 23 10.05 18.64 -9.98
C LEU A 23 11.46 19.21 -9.90
N ILE A 24 12.20 18.82 -8.87
CA ILE A 24 13.49 19.45 -8.61
C ILE A 24 14.56 18.98 -9.58
N SER A 25 14.56 17.68 -9.86
CA SER A 25 15.62 17.09 -10.67
C SER A 25 15.42 17.25 -12.17
N LYS A 26 14.19 17.11 -12.65
CA LYS A 26 13.97 17.24 -14.08
C LYS A 26 13.80 18.69 -14.53
N TYR A 27 13.18 19.51 -13.70
CA TYR A 27 12.77 20.83 -14.16
C TYR A 27 13.39 21.96 -13.35
N ARG A 28 14.03 21.61 -12.25
CA ARG A 28 14.58 22.57 -11.32
C ARG A 28 13.51 23.56 -10.84
N ILE A 29 12.32 23.03 -10.58
CA ILE A 29 11.23 23.79 -10.00
C ILE A 29 11.28 23.67 -8.48
N PRO A 30 11.27 24.81 -7.78
CA PRO A 30 11.39 24.76 -6.31
C PRO A 30 10.21 24.10 -5.62
N VAL A 31 10.50 23.37 -4.55
CA VAL A 31 9.47 22.64 -3.80
C VAL A 31 9.55 22.94 -2.32
N VAL A 32 8.39 23.07 -1.68
CA VAL A 32 8.31 23.00 -0.23
C VAL A 32 7.45 21.80 0.11
N LEU A 33 8.03 20.87 0.86
CA LEU A 33 7.36 19.64 1.23
C LEU A 33 6.90 19.76 2.67
N LEU A 34 5.58 19.79 2.87
CA LEU A 34 5.03 19.92 4.21
C LEU A 34 4.49 18.56 4.64
N ASP A 35 4.74 18.20 5.90
CA ASP A 35 4.13 17.02 6.45
C ASP A 35 3.75 17.33 7.89
N LYS A 36 2.55 16.93 8.28
CA LYS A 36 2.08 17.24 9.62
C LYS A 36 2.72 16.35 10.66
N ALA A 37 3.32 15.25 10.23
CA ALA A 37 3.92 14.31 11.19
C ALA A 37 5.33 14.69 11.59
N ALA A 38 5.87 13.94 12.55
CA ALA A 38 7.17 14.18 13.15
C ALA A 38 8.32 13.65 12.30
N SER A 39 7.96 12.90 11.27
CA SER A 39 8.96 12.22 10.46
C SER A 39 8.45 12.03 9.05
N ILE A 40 9.38 11.75 8.15
CA ILE A 40 9.06 11.51 6.75
C ILE A 40 8.54 10.10 6.49
N GLY A 41 7.56 9.96 5.59
CA GLY A 41 7.28 8.65 5.03
C GLY A 41 5.87 8.12 5.07
N GLY A 42 5.04 8.64 5.97
CA GLY A 42 3.65 8.25 6.04
C GLY A 42 3.49 6.74 6.19
N ASN A 43 2.43 6.20 5.59
CA ASN A 43 2.25 4.76 5.57
C ASN A 43 3.17 4.11 4.54
N SER A 44 3.63 4.88 3.54
CA SER A 44 4.51 4.34 2.51
C SER A 44 5.76 3.71 3.09
N ILE A 45 6.32 4.35 4.11
CA ILE A 45 7.59 3.89 4.63
C ILE A 45 7.41 2.57 5.39
N LYS A 46 6.16 2.21 5.66
CA LYS A 46 5.88 0.98 6.41
C LYS A 46 5.49 -0.20 5.50
N ALA A 47 5.42 0.05 4.20
CA ALA A 47 5.00 -0.94 3.21
C ALA A 47 5.97 -2.12 3.02
N SER A 48 5.46 -3.35 3.04
CA SER A 48 6.35 -4.51 3.00
C SER A 48 6.26 -5.48 1.81
N SER A 49 5.25 -5.42 0.92
CA SER A 49 5.24 -6.47 -0.12
C SER A 49 5.91 -6.07 -1.46
N GLY A 50 5.72 -4.84 -1.91
CA GLY A 50 6.43 -4.35 -3.06
C GLY A 50 5.63 -3.49 -4.02
N ILE A 51 6.20 -3.24 -5.19
CA ILE A 51 5.58 -2.36 -6.18
C ILE A 51 5.39 -3.08 -7.51
N ASN A 52 4.18 -2.95 -8.07
CA ASN A 52 3.85 -3.65 -9.31
C ASN A 52 4.43 -3.00 -10.55
N GLY A 53 4.74 -3.83 -11.54
CA GLY A 53 5.16 -3.37 -12.84
C GLY A 53 4.86 -4.48 -13.80
N ALA A 54 4.30 -4.15 -14.95
CA ALA A 54 3.99 -5.15 -15.98
C ALA A 54 4.92 -5.01 -17.18
N HIS A 55 5.60 -6.10 -17.51
CA HIS A 55 6.61 -6.18 -18.59
C HIS A 55 7.93 -5.48 -18.23
N THR A 56 8.53 -5.89 -17.10
CA THR A 56 9.75 -5.26 -16.60
C THR A 56 11.00 -6.10 -16.88
N ASP A 57 12.18 -5.52 -16.65
CA ASP A 57 13.44 -6.27 -16.74
C ASP A 57 13.50 -7.40 -15.75
N THR A 58 12.95 -7.19 -14.55
CA THR A 58 12.97 -8.22 -13.53
C THR A 58 12.12 -9.40 -13.95
N GLN A 59 10.93 -9.13 -14.48
CA GLN A 59 10.10 -10.22 -15.00
C GLN A 59 10.80 -10.97 -16.13
N GLN A 60 11.46 -10.24 -17.02
CA GLN A 60 12.19 -10.87 -18.13
C GLN A 60 13.28 -11.81 -17.61
N ASN A 61 14.00 -11.34 -16.59
CA ASN A 61 15.08 -12.13 -16.01
C ASN A 61 14.58 -13.43 -15.41
N LEU A 62 13.35 -13.39 -14.90
CA LEU A 62 12.78 -14.51 -14.17
C LEU A 62 11.77 -15.25 -15.06
N LYS A 63 11.79 -14.90 -16.34
CA LYS A 63 11.02 -15.58 -17.38
C LYS A 63 9.53 -15.59 -17.06
N VAL A 64 9.06 -14.47 -16.52
CA VAL A 64 7.65 -14.21 -16.31
C VAL A 64 7.12 -13.41 -17.49
N MET A 65 6.04 -13.85 -18.12
CA MET A 65 5.46 -13.08 -19.21
C MET A 65 4.26 -12.28 -18.73
N ASP A 66 4.33 -10.97 -18.90
CA ASP A 66 3.33 -10.06 -18.40
C ASP A 66 3.25 -8.92 -19.39
N THR A 67 2.10 -8.26 -19.46
CA THR A 67 1.92 -7.14 -20.37
C THR A 67 1.12 -6.06 -19.65
N PRO A 68 1.18 -4.82 -20.14
CA PRO A 68 0.21 -3.85 -19.62
C PRO A 68 -1.23 -4.31 -19.83
N GLU A 69 -1.52 -5.01 -20.93
CA GLU A 69 -2.89 -5.48 -21.18
C GLU A 69 -3.38 -6.48 -20.12
N LEU A 70 -2.50 -7.38 -19.67
CA LEU A 70 -2.87 -8.37 -18.66
C LEU A 70 -3.01 -7.72 -17.29
N PHE A 71 -2.12 -6.78 -17.00
CA PHE A 71 -2.19 -6.06 -15.75
C PHE A 71 -3.49 -5.22 -15.70
N LEU A 72 -3.82 -4.59 -16.82
CA LEU A 72 -5.08 -3.88 -16.96
C LEU A 72 -6.27 -4.82 -16.75
N LYS A 73 -6.21 -6.02 -17.32
CA LYS A 73 -7.29 -6.99 -17.18
C LYS A 73 -7.50 -7.37 -15.70
N ASP A 74 -6.41 -7.69 -15.02
CA ASP A 74 -6.47 -8.01 -13.59
C ASP A 74 -7.01 -6.82 -12.79
N THR A 75 -6.62 -5.61 -13.19
CA THR A 75 -7.03 -4.41 -12.47
C THR A 75 -8.52 -4.10 -12.68
N LEU A 76 -8.98 -4.25 -13.92
CA LEU A 76 -10.41 -4.04 -14.20
C LEU A 76 -11.24 -5.10 -13.48
N HIS A 77 -10.74 -6.33 -13.44
CA HIS A 77 -11.44 -7.38 -12.73
C HIS A 77 -11.53 -7.07 -11.24
N SER A 78 -10.42 -6.61 -10.66
CA SER A 78 -10.38 -6.16 -9.28
C SER A 78 -11.35 -5.00 -9.00
N ALA A 79 -11.49 -4.11 -9.98
CA ALA A 79 -12.25 -2.88 -9.78
C ALA A 79 -13.77 -3.12 -9.69
N LYS A 80 -14.24 -4.22 -10.27
CA LYS A 80 -15.66 -4.58 -10.25
C LYS A 80 -16.59 -3.43 -10.66
N GLY A 81 -16.28 -2.81 -11.80
CA GLY A 81 -17.17 -1.81 -12.37
C GLY A 81 -17.14 -0.44 -11.71
N ARG A 82 -16.24 -0.25 -10.76
CA ARG A 82 -16.08 1.05 -10.12
C ARG A 82 -14.79 1.70 -10.60
N GLY A 83 -14.65 2.99 -10.35
CA GLY A 83 -13.45 3.71 -10.74
C GLY A 83 -13.47 4.23 -12.17
N VAL A 84 -12.32 4.72 -12.62
CA VAL A 84 -12.20 5.32 -13.94
C VAL A 84 -11.25 4.47 -14.79
N PRO A 85 -11.82 3.70 -15.75
CA PRO A 85 -10.99 2.78 -16.54
C PRO A 85 -9.77 3.43 -17.19
N SER A 86 -9.87 4.66 -17.68
CA SER A 86 -8.73 5.25 -18.36
C SER A 86 -7.57 5.54 -17.41
N LEU A 87 -7.85 5.71 -16.11
CA LEU A 87 -6.80 5.88 -15.10
C LEU A 87 -6.12 4.57 -14.79
N MET A 88 -6.91 3.48 -14.82
CA MET A 88 -6.34 2.13 -14.72
C MET A 88 -5.47 1.78 -15.91
N ASP A 89 -5.86 2.25 -17.08
CA ASP A 89 -5.06 2.10 -18.28
C ASP A 89 -3.72 2.77 -18.05
N LYS A 90 -3.75 4.04 -17.62
CA LYS A 90 -2.54 4.80 -17.35
C LYS A 90 -1.66 4.11 -16.30
N LEU A 91 -2.28 3.73 -15.18
CA LEU A 91 -1.57 3.09 -14.07
C LEU A 91 -0.81 1.86 -14.52
N THR A 92 -1.44 1.05 -15.34
CA THR A 92 -0.85 -0.21 -15.75
C THR A 92 0.10 -0.03 -16.92
N LYS A 93 -0.25 0.85 -17.85
CA LYS A 93 0.60 1.10 -19.02
C LYS A 93 1.91 1.75 -18.59
N GLU A 94 1.86 2.62 -17.60
CA GLU A 94 3.07 3.38 -17.23
C GLU A 94 3.86 2.70 -16.13
N SER A 95 3.46 1.48 -15.76
CA SER A 95 4.12 0.80 -14.64
C SER A 95 5.51 0.30 -15.01
N LYS A 96 5.69 -0.11 -16.27
CA LYS A 96 7.03 -0.49 -16.72
C LYS A 96 7.99 0.70 -16.53
N SER A 97 7.53 1.90 -16.89
CA SER A 97 8.35 3.09 -16.78
C SER A 97 8.60 3.48 -15.32
N ALA A 98 7.60 3.28 -14.48
CA ALA A 98 7.75 3.49 -13.03
C ALA A 98 8.87 2.64 -12.42
N ILE A 99 8.86 1.35 -12.70
CA ILE A 99 9.91 0.48 -12.16
C ILE A 99 11.28 0.92 -12.71
N ARG A 100 11.34 1.20 -14.02
CA ARG A 100 12.59 1.61 -14.64
C ARG A 100 13.11 2.92 -14.04
N TRP A 101 12.21 3.84 -13.72
CA TRP A 101 12.59 5.11 -13.08
C TRP A 101 13.25 4.88 -11.70
N LEU A 102 12.66 3.99 -10.90
CA LEU A 102 13.24 3.67 -9.60
C LEU A 102 14.60 2.99 -9.76
N GLN A 103 14.72 2.12 -10.75
CA GLN A 103 15.98 1.41 -10.95
C GLN A 103 17.07 2.33 -11.52
N THR A 104 16.74 3.15 -12.50
CA THR A 104 17.77 3.98 -13.13
C THR A 104 18.12 5.25 -12.34
N GLU A 105 17.12 5.92 -11.76
CA GLU A 105 17.42 7.19 -11.07
C GLU A 105 17.92 6.99 -9.64
N PHE A 106 17.59 5.87 -9.03
CA PHE A 106 17.86 5.68 -7.61
C PHE A 106 18.61 4.39 -7.30
N ASP A 107 18.91 3.62 -8.35
CA ASP A 107 19.66 2.36 -8.22
C ASP A 107 19.04 1.36 -7.24
N LEU A 108 17.72 1.40 -7.12
CA LEU A 108 16.98 0.38 -6.39
C LEU A 108 16.93 -0.89 -7.24
N LYS A 109 17.34 -2.01 -6.68
CA LYS A 109 17.44 -3.24 -7.48
C LYS A 109 16.08 -3.76 -7.96
N LEU A 110 15.13 -3.86 -7.03
CA LEU A 110 13.79 -4.40 -7.32
C LEU A 110 13.87 -5.70 -8.14
N ASP A 111 14.70 -6.63 -7.67
CA ASP A 111 15.06 -7.80 -8.46
C ASP A 111 14.31 -9.07 -8.11
N LEU A 112 13.42 -9.02 -7.11
CA LEU A 112 12.67 -10.20 -6.71
C LEU A 112 11.19 -9.98 -6.97
N LEU A 113 10.47 -11.08 -7.15
CA LEU A 113 9.04 -11.00 -7.39
C LEU A 113 8.23 -11.81 -6.40
N ALA A 114 6.98 -11.42 -6.22
CA ALA A 114 5.99 -12.22 -5.54
C ALA A 114 4.70 -12.07 -6.32
N GLN A 115 3.87 -13.10 -6.30
CA GLN A 115 2.56 -12.99 -6.91
C GLN A 115 1.50 -12.79 -5.84
N LEU A 116 0.81 -11.66 -5.88
CA LEU A 116 -0.15 -11.37 -4.82
C LEU A 116 -1.55 -11.76 -5.25
N GLY A 117 -2.54 -11.56 -4.38
CA GLY A 117 -3.89 -11.97 -4.69
C GLY A 117 -4.52 -11.14 -5.79
N GLY A 118 -5.23 -11.81 -6.71
CA GLY A 118 -5.90 -11.16 -7.80
C GLY A 118 -5.00 -10.93 -8.99
N HIS A 119 -3.75 -11.36 -8.85
CA HIS A 119 -2.76 -11.23 -9.89
C HIS A 119 -2.65 -12.55 -10.67
N SER A 120 -2.64 -12.43 -11.99
CA SER A 120 -2.54 -13.59 -12.88
C SER A 120 -1.12 -14.12 -12.95
N VAL A 121 -0.14 -13.24 -12.77
CA VAL A 121 1.29 -13.60 -12.81
C VAL A 121 2.05 -12.82 -11.73
N PRO A 122 3.28 -13.25 -11.41
CA PRO A 122 4.02 -12.45 -10.41
C PRO A 122 4.50 -11.12 -10.99
N ARG A 123 4.08 -10.01 -10.38
CA ARG A 123 4.53 -8.70 -10.85
C ARG A 123 4.80 -7.72 -9.72
N THR A 124 4.82 -8.20 -8.47
CA THR A 124 5.13 -7.32 -7.34
C THR A 124 6.65 -7.36 -7.05
N HIS A 125 7.33 -6.24 -7.29
CA HIS A 125 8.79 -6.19 -7.19
C HIS A 125 9.27 -5.76 -5.80
N ARG A 126 10.29 -6.45 -5.27
CA ARG A 126 10.98 -6.02 -4.04
C ARG A 126 12.49 -6.25 -4.24
N SER A 127 13.34 -5.58 -3.47
CA SER A 127 14.78 -5.81 -3.62
C SER A 127 15.27 -6.89 -2.68
N SER A 128 16.30 -7.64 -3.09
CA SER A 128 16.96 -8.54 -2.15
C SER A 128 17.68 -7.70 -1.08
N GLY A 129 17.87 -8.28 0.10
CA GLY A 129 18.49 -7.57 1.20
C GLY A 129 17.58 -7.35 2.40
N LYS A 130 18.08 -6.57 3.36
CA LYS A 130 17.44 -6.37 4.66
C LYS A 130 16.29 -5.36 4.62
N LEU A 131 16.24 -4.54 3.58
CA LEU A 131 15.28 -3.43 3.58
C LEU A 131 14.01 -3.78 2.80
N PRO A 132 12.86 -3.68 3.47
CA PRO A 132 11.58 -3.90 2.80
C PRO A 132 11.32 -2.75 1.83
N PRO A 133 10.46 -2.97 0.82
CA PRO A 133 10.37 -2.04 -0.33
C PRO A 133 9.90 -0.64 0.06
N GLY A 134 8.91 -0.52 0.94
CA GLY A 134 8.46 0.81 1.36
C GLY A 134 9.60 1.65 1.89
N PHE A 135 10.31 1.12 2.88
CA PHE A 135 11.42 1.85 3.47
C PHE A 135 12.56 2.06 2.48
N GLU A 136 12.88 1.06 1.66
CA GLU A 136 14.02 1.21 0.76
C GLU A 136 13.76 2.35 -0.19
N ILE A 137 12.54 2.42 -0.69
CA ILE A 137 12.16 3.41 -1.68
C ILE A 137 12.07 4.80 -1.05
N VAL A 138 11.38 4.91 0.08
CA VAL A 138 11.29 6.21 0.76
C VAL A 138 12.67 6.70 1.16
N GLN A 139 13.50 5.81 1.70
CA GLN A 139 14.84 6.19 2.10
C GLN A 139 15.63 6.80 0.95
N ALA A 140 15.60 6.14 -0.20
CA ALA A 140 16.38 6.60 -1.34
C ALA A 140 15.86 7.95 -1.86
N LEU A 141 14.54 8.12 -1.93
CA LEU A 141 13.99 9.36 -2.48
C LEU A 141 14.16 10.52 -1.50
N SER A 142 14.06 10.24 -0.20
CA SER A 142 14.26 11.27 0.81
C SER A 142 15.72 11.67 0.88
N LYS A 143 16.62 10.70 0.77
CA LYS A 143 18.04 11.05 0.84
C LYS A 143 18.41 11.97 -0.30
N LYS A 144 17.85 11.73 -1.48
CA LYS A 144 18.11 12.60 -2.63
C LYS A 144 17.65 14.04 -2.36
N LEU A 145 16.42 14.21 -1.87
CA LEU A 145 15.92 15.55 -1.54
C LEU A 145 16.78 16.24 -0.48
N LYS A 146 17.22 15.47 0.50
CA LYS A 146 18.01 16.04 1.59
C LYS A 146 19.37 16.47 1.07
N ASP A 147 19.95 15.67 0.18
CA ASP A 147 21.19 16.08 -0.49
C ASP A 147 21.01 17.36 -1.29
N ILE A 148 19.91 17.45 -2.04
CA ILE A 148 19.69 18.62 -2.88
C ILE A 148 19.46 19.84 -1.99
N SER A 149 18.75 19.63 -0.88
CA SER A 149 18.45 20.73 0.04
C SER A 149 19.74 21.33 0.61
N SER A 150 20.67 20.46 0.99
CA SER A 150 21.89 20.90 1.64
C SER A 150 22.79 21.71 0.71
N LYS A 151 22.64 21.50 -0.60
CA LYS A 151 23.43 22.25 -1.58
C LYS A 151 22.70 23.52 -2.05
N ASP A 152 21.37 23.46 -2.17
CA ASP A 152 20.57 24.64 -2.51
C ASP A 152 19.28 24.66 -1.71
N SER A 153 19.35 25.34 -0.57
CA SER A 153 18.25 25.45 0.37
C SER A 153 16.98 26.03 -0.25
N ASN A 154 17.13 26.80 -1.32
CA ASN A 154 15.98 27.43 -1.96
C ASN A 154 15.28 26.52 -2.96
N LEU A 155 15.97 25.45 -3.35
CA LEU A 155 15.42 24.54 -4.34
C LEU A 155 14.45 23.57 -3.68
N VAL A 156 14.80 23.04 -2.51
CA VAL A 156 13.85 22.22 -1.78
C VAL A 156 13.98 22.44 -0.30
N GLN A 157 12.83 22.58 0.36
CA GLN A 157 12.77 22.63 1.81
C GLN A 157 11.77 21.61 2.28
N ILE A 158 12.14 20.83 3.30
CA ILE A 158 11.21 19.91 3.94
C ILE A 158 10.82 20.46 5.29
N MET A 159 9.51 20.55 5.55
CA MET A 159 9.08 21.10 6.82
C MET A 159 8.12 20.13 7.50
N LEU A 160 8.58 19.56 8.61
CA LEU A 160 7.79 18.57 9.31
C LEU A 160 6.96 19.29 10.35
N ASN A 161 6.09 18.56 11.02
CA ASN A 161 5.21 19.11 12.05
C ASN A 161 4.44 20.33 11.52
N SER A 162 4.01 20.24 10.26
CA SER A 162 3.31 21.31 9.56
C SER A 162 2.01 20.78 8.96
N GLU A 163 0.89 21.03 9.64
CA GLU A 163 -0.39 20.49 9.20
C GLU A 163 -1.12 21.46 8.30
N VAL A 164 -1.31 21.09 7.05
CA VAL A 164 -2.08 21.91 6.12
C VAL A 164 -3.53 21.88 6.54
N VAL A 165 -4.18 23.05 6.56
CA VAL A 165 -5.55 23.12 7.00
C VAL A 165 -6.47 23.70 5.93
N ASP A 166 -5.90 24.39 4.95
CA ASP A 166 -6.70 24.94 3.85
C ASP A 166 -5.84 25.45 2.69
N ILE A 167 -6.49 25.70 1.57
CA ILE A 167 -5.85 26.37 0.46
C ILE A 167 -6.49 27.71 0.23
N GLU A 168 -5.68 28.75 0.04
CA GLU A 168 -6.26 30.05 -0.22
C GLU A 168 -6.24 30.35 -1.70
N LEU A 169 -7.39 30.83 -2.18
CA LEU A 169 -7.58 31.11 -3.60
C LEU A 169 -7.92 32.58 -3.76
N ASP A 170 -7.54 33.16 -4.90
CA ASP A 170 -7.89 34.56 -5.15
C ASP A 170 -9.33 34.66 -5.65
N ASN A 171 -9.73 35.83 -6.13
CA ASN A 171 -11.14 36.12 -6.39
C ASN A 171 -11.79 35.09 -7.30
N GLN A 172 -11.20 34.84 -8.46
CA GLN A 172 -11.47 33.64 -9.26
C GLN A 172 -10.22 33.31 -10.07
N GLY A 173 -9.62 32.15 -9.84
CA GLY A 173 -9.97 31.25 -8.75
C GLY A 173 -8.69 30.51 -8.45
N HIS A 174 -7.59 31.24 -8.62
CA HIS A 174 -6.24 30.70 -8.62
C HIS A 174 -5.69 30.47 -7.21
N VAL A 175 -4.74 29.54 -7.10
CA VAL A 175 -4.07 29.31 -5.83
C VAL A 175 -3.13 30.47 -5.53
N THR A 176 -3.18 30.97 -4.30
CA THR A 176 -2.24 31.99 -3.87
C THR A 176 -1.45 31.54 -2.65
N GLY A 177 -1.92 30.51 -1.96
CA GLY A 177 -1.14 30.00 -0.85
C GLY A 177 -1.69 28.77 -0.17
N VAL A 178 -0.90 28.24 0.75
CA VAL A 178 -1.30 27.09 1.55
C VAL A 178 -1.29 27.48 3.01
N VAL A 179 -2.42 27.26 3.68
CA VAL A 179 -2.54 27.58 5.10
C VAL A 179 -2.17 26.36 5.92
N TYR A 180 -1.22 26.52 6.84
CA TYR A 180 -0.84 25.40 7.66
C TYR A 180 -0.52 25.85 9.08
N MET A 181 -0.50 24.90 9.99
CA MET A 181 -0.14 25.15 11.38
C MET A 181 1.27 24.62 11.61
N ASP A 182 2.17 25.48 12.06
CA ASP A 182 3.57 25.06 12.19
C ASP A 182 3.84 24.23 13.45
N GLU A 183 5.12 24.04 13.78
CA GLU A 183 5.46 23.15 14.89
C GLU A 183 4.97 23.68 16.23
N ASN A 184 4.71 24.99 16.28
CA ASN A 184 4.29 25.68 17.49
C ASN A 184 2.79 25.96 17.51
N GLY A 185 2.06 25.43 16.52
CA GLY A 185 0.63 25.62 16.47
C GLY A 185 0.21 27.01 16.00
N ASN A 186 1.13 27.72 15.36
CA ASN A 186 0.82 29.01 14.78
C ASN A 186 0.40 28.88 13.34
N ARG A 187 -0.59 29.68 12.97
CA ARG A 187 -1.03 29.75 11.59
C ARG A 187 0.08 30.36 10.76
N LYS A 188 0.34 29.75 9.62
CA LYS A 188 1.32 30.26 8.67
C LYS A 188 0.74 30.08 7.29
N ILE A 189 1.17 30.93 6.36
CA ILE A 189 0.78 30.79 4.98
C ILE A 189 2.04 30.59 4.15
N MET A 190 2.07 29.53 3.34
CA MET A 190 3.13 29.37 2.36
C MET A 190 2.62 29.92 1.02
N LYS A 191 3.20 31.02 0.54
CA LYS A 191 2.75 31.61 -0.72
C LYS A 191 3.16 30.69 -1.87
N SER A 192 2.20 30.40 -2.74
CA SER A 192 2.40 29.42 -3.79
C SER A 192 1.30 29.53 -4.84
N HIS A 193 1.58 29.08 -6.06
CA HIS A 193 0.58 29.04 -7.11
C HIS A 193 0.26 27.61 -7.54
N HIS A 194 0.88 26.64 -6.88
CA HIS A 194 0.71 25.24 -7.30
C HIS A 194 0.79 24.36 -6.06
N VAL A 195 -0.23 23.55 -5.83
CA VAL A 195 -0.19 22.66 -4.66
C VAL A 195 -0.55 21.23 -5.10
N VAL A 196 0.20 20.26 -4.59
CA VAL A 196 -0.09 18.85 -4.85
C VAL A 196 -0.46 18.16 -3.55
N PHE A 197 -1.71 17.74 -3.42
CA PHE A 197 -2.13 16.96 -2.27
C PHE A 197 -1.60 15.54 -2.44
N CYS A 198 -0.71 15.15 -1.54
CA CYS A 198 -0.21 13.77 -1.46
C CYS A 198 -0.39 13.28 -0.04
N SER A 199 -1.56 13.57 0.53
CA SER A 199 -1.72 13.48 1.96
C SER A 199 -2.29 12.16 2.49
N GLY A 200 -2.45 11.17 1.63
CA GLY A 200 -2.76 9.82 2.10
C GLY A 200 -4.24 9.53 2.30
N GLY A 201 -4.54 8.39 2.92
CA GLY A 201 -5.93 7.91 3.03
C GLY A 201 -6.64 8.38 4.29
N PHE A 202 -7.75 7.71 4.67
CA PHE A 202 -8.47 8.07 5.90
C PHE A 202 -8.77 6.89 6.79
N GLY A 203 -8.07 5.77 6.57
CA GLY A 203 -8.40 4.51 7.22
C GLY A 203 -8.31 4.49 8.73
N TYR A 204 -7.53 5.40 9.31
CA TYR A 204 -7.39 5.46 10.76
C TYR A 204 -8.55 6.21 11.41
N SER A 205 -9.23 7.04 10.62
CA SER A 205 -10.26 7.92 11.15
C SER A 205 -11.57 7.20 11.43
N LYS A 206 -11.88 6.99 12.70
CA LYS A 206 -13.12 6.36 13.08
C LYS A 206 -14.32 7.16 12.59
N GLU A 207 -14.20 8.48 12.55
CA GLU A 207 -15.37 9.28 12.19
C GLU A 207 -15.64 9.20 10.69
N MET A 208 -14.57 9.10 9.88
CA MET A 208 -14.81 9.01 8.45
C MET A 208 -15.28 7.62 8.06
N LEU A 209 -14.82 6.61 8.78
CA LEU A 209 -15.32 5.25 8.62
C LEU A 209 -16.82 5.19 8.95
N LYS A 210 -17.25 5.85 10.02
CA LYS A 210 -18.66 5.88 10.35
C LYS A 210 -19.48 6.51 9.22
N GLU A 211 -18.89 7.46 8.52
CA GLU A 211 -19.59 8.16 7.45
C GLU A 211 -19.64 7.35 6.15
N TYR A 212 -18.57 6.63 5.82
CA TYR A 212 -18.49 5.99 4.51
C TYR A 212 -18.58 4.47 4.52
N SER A 213 -18.20 3.85 5.63
CA SER A 213 -18.27 2.40 5.74
C SER A 213 -18.49 2.03 7.18
N PRO A 214 -19.71 2.26 7.67
CA PRO A 214 -19.98 2.23 9.11
C PRO A 214 -19.73 0.87 9.74
N ASN A 215 -19.83 -0.20 8.97
CA ASN A 215 -19.68 -1.53 9.55
C ASN A 215 -18.21 -1.90 9.79
N LEU A 216 -17.30 -1.00 9.47
CA LEU A 216 -15.88 -1.23 9.69
C LEU A 216 -15.32 -0.51 10.92
N ILE A 217 -16.17 0.20 11.66
CA ILE A 217 -15.67 1.13 12.69
C ILE A 217 -15.07 0.45 13.91
N HIS A 218 -15.27 -0.85 14.05
CA HIS A 218 -14.71 -1.56 15.19
C HIS A 218 -13.48 -2.37 14.81
N LEU A 219 -13.19 -2.45 13.51
CA LEU A 219 -12.05 -3.23 13.06
C LEU A 219 -10.73 -2.56 13.45
N PRO A 220 -9.69 -3.36 13.68
CA PRO A 220 -8.38 -2.74 13.87
C PRO A 220 -7.85 -2.22 12.54
N THR A 221 -6.73 -1.53 12.55
CA THR A 221 -6.17 -0.94 11.32
C THR A 221 -4.66 -1.16 11.23
N THR A 222 -4.12 -1.03 10.03
CA THR A 222 -2.67 -1.03 9.86
C THR A 222 -2.15 0.39 9.75
N ASN A 223 -3.06 1.35 9.60
CA ASN A 223 -2.68 2.72 9.31
C ASN A 223 -2.11 3.46 10.51
N GLY A 224 -1.14 4.34 10.25
CA GLY A 224 -0.65 5.23 11.29
C GLY A 224 -1.68 6.26 11.71
N LYS A 225 -1.53 6.81 12.92
CA LYS A 225 -2.52 7.73 13.47
C LYS A 225 -2.67 9.02 12.65
N GLN A 226 -1.74 9.26 11.73
CA GLN A 226 -1.78 10.44 10.89
C GLN A 226 -2.78 10.31 9.74
N THR A 227 -3.36 9.13 9.56
CA THR A 227 -4.14 8.79 8.38
C THR A 227 -5.61 9.22 8.52
N THR A 228 -5.86 10.51 8.54
CA THR A 228 -7.16 11.01 8.98
C THR A 228 -7.99 11.71 7.89
N GLY A 229 -7.58 11.57 6.63
CA GLY A 229 -8.37 12.05 5.51
C GLY A 229 -8.44 13.57 5.40
N ASP A 230 -7.39 14.25 5.87
CA ASP A 230 -7.37 15.72 5.90
C ASP A 230 -7.57 16.33 4.52
N GLY A 231 -6.79 15.86 3.56
CA GLY A 231 -6.83 16.41 2.22
C GLY A 231 -8.17 16.19 1.54
N GLN A 232 -8.74 15.00 1.71
CA GLN A 232 -10.07 14.71 1.21
C GLN A 232 -11.07 15.73 1.71
N LYS A 233 -11.02 16.01 3.01
CA LYS A 233 -11.98 16.93 3.60
C LYS A 233 -11.74 18.36 3.12
N ILE A 234 -10.48 18.79 3.14
CA ILE A 234 -10.13 20.13 2.68
C ILE A 234 -10.57 20.37 1.25
N LEU A 235 -10.31 19.40 0.38
CA LEU A 235 -10.62 19.56 -1.04
C LEU A 235 -12.12 19.51 -1.30
N SER A 236 -12.83 18.68 -0.55
CA SER A 236 -14.27 18.60 -0.76
C SER A 236 -14.91 19.93 -0.37
N LYS A 237 -14.37 20.59 0.66
CA LYS A 237 -14.94 21.84 1.11
C LYS A 237 -14.67 22.98 0.14
N LEU A 238 -13.53 22.89 -0.56
CA LEU A 238 -13.16 23.85 -1.60
C LEU A 238 -13.92 23.61 -2.91
N GLY A 239 -14.67 22.51 -2.99
CA GLY A 239 -15.54 22.27 -4.13
C GLY A 239 -15.10 21.17 -5.06
N ALA A 240 -14.20 20.29 -4.61
CA ALA A 240 -13.75 19.19 -5.45
C ALA A 240 -14.71 18.01 -5.39
N GLU A 241 -14.71 17.19 -6.42
CA GLU A 241 -15.51 15.96 -6.40
C GLU A 241 -14.77 14.87 -5.62
N LEU A 242 -15.48 14.12 -4.79
CA LEU A 242 -14.93 12.90 -4.20
C LEU A 242 -15.58 11.73 -4.91
N ILE A 243 -14.85 10.63 -5.06
CA ILE A 243 -15.44 9.45 -5.68
C ILE A 243 -15.05 8.18 -4.95
N ASP A 244 -15.97 7.21 -4.92
CA ASP A 244 -15.72 5.88 -4.36
C ASP A 244 -15.29 5.88 -2.89
N MET A 245 -15.70 6.90 -2.15
CA MET A 245 -15.29 7.05 -0.76
C MET A 245 -15.74 5.87 0.10
N ASP A 246 -16.82 5.22 -0.30
CA ASP A 246 -17.32 4.10 0.50
C ASP A 246 -16.65 2.79 0.15
N GLN A 247 -15.58 2.84 -0.65
CA GLN A 247 -14.86 1.63 -1.00
C GLN A 247 -13.61 1.55 -0.14
N VAL A 248 -13.72 0.84 0.98
CA VAL A 248 -12.61 0.71 1.92
C VAL A 248 -12.07 -0.71 1.94
N GLN A 249 -10.77 -0.84 1.71
CA GLN A 249 -10.17 -2.15 1.70
C GLN A 249 -9.86 -2.64 3.10
N VAL A 250 -10.44 -3.79 3.45
CA VAL A 250 -10.04 -4.52 4.63
C VAL A 250 -9.06 -5.63 4.23
N HIS A 251 -7.84 -5.53 4.71
CA HIS A 251 -6.78 -6.50 4.42
C HIS A 251 -7.02 -7.70 5.32
N PRO A 252 -6.92 -8.92 4.77
CA PRO A 252 -7.30 -10.10 5.57
C PRO A 252 -6.32 -10.46 6.67
N THR A 253 -5.07 -10.03 6.59
CA THR A 253 -4.06 -10.56 7.52
C THR A 253 -3.22 -9.50 8.21
N GLY A 254 -3.82 -8.80 9.18
CA GLY A 254 -3.02 -8.02 10.11
C GLY A 254 -2.52 -8.94 11.20
N PHE A 255 -1.28 -8.76 11.67
CA PHE A 255 -0.77 -9.61 12.77
C PHE A 255 -1.43 -9.23 14.08
N ILE A 256 -1.76 -10.25 14.87
CA ILE A 256 -2.08 -10.02 16.27
C ILE A 256 -0.79 -10.11 17.08
N ASP A 257 -0.53 -9.09 17.90
CA ASP A 257 0.61 -9.09 18.81
C ASP A 257 0.17 -9.84 20.07
N PRO A 258 0.87 -10.95 20.40
CA PRO A 258 0.50 -11.81 21.54
C PRO A 258 0.61 -11.10 22.88
N ASN A 259 1.36 -10.00 22.93
CA ASN A 259 1.52 -9.28 24.18
C ASN A 259 0.77 -7.97 24.16
N ASP A 260 -0.05 -7.77 23.13
CA ASP A 260 -0.92 -6.59 23.03
C ASP A 260 -2.04 -6.89 22.05
N ARG A 261 -2.87 -7.88 22.37
CA ARG A 261 -3.79 -8.52 21.44
C ARG A 261 -4.92 -7.63 20.91
N GLU A 262 -5.37 -6.65 21.69
CA GLU A 262 -6.50 -5.84 21.23
C GLU A 262 -6.08 -4.43 20.83
N ASN A 263 -4.77 -4.21 20.66
CA ASN A 263 -4.27 -2.94 20.11
C ASN A 263 -5.07 -2.60 18.86
N ASN A 264 -5.55 -1.35 18.76
CA ASN A 264 -6.32 -0.96 17.59
C ASN A 264 -5.41 -0.94 16.35
N TRP A 265 -4.11 -0.80 16.56
CA TRP A 265 -3.13 -0.81 15.47
C TRP A 265 -2.44 -2.16 15.37
N LYS A 266 -2.27 -2.65 14.15
CA LYS A 266 -1.57 -3.91 13.88
C LYS A 266 -0.39 -3.74 12.93
N PHE A 267 0.69 -4.48 13.18
CA PHE A 267 1.66 -4.77 12.13
C PHE A 267 0.93 -5.52 11.02
N LEU A 268 1.27 -5.28 9.77
CA LEU A 268 0.70 -6.06 8.66
C LEU A 268 1.47 -7.38 8.42
N ALA A 269 0.73 -8.47 8.24
CA ALA A 269 1.33 -9.70 7.73
C ALA A 269 1.33 -9.59 6.22
N ALA A 270 2.49 -9.21 5.67
CA ALA A 270 2.63 -8.96 4.24
C ALA A 270 1.96 -10.04 3.42
N GLU A 271 1.22 -9.62 2.39
CA GLU A 271 0.53 -10.60 1.54
C GLU A 271 1.52 -11.54 0.86
N ALA A 272 2.76 -11.09 0.68
CA ALA A 272 3.79 -11.93 0.10
C ALA A 272 3.97 -13.23 0.91
N LEU A 273 3.70 -13.19 2.21
CA LEU A 273 3.78 -14.39 3.05
C LEU A 273 2.90 -15.51 2.53
N ARG A 274 1.75 -15.14 1.97
CA ARG A 274 0.88 -16.13 1.34
C ARG A 274 1.30 -16.37 -0.11
N GLY A 275 1.56 -15.30 -0.85
CA GLY A 275 2.01 -15.44 -2.23
C GLY A 275 3.24 -16.31 -2.38
N LEU A 276 4.16 -16.20 -1.41
CA LEU A 276 5.41 -16.98 -1.45
C LEU A 276 5.24 -18.36 -0.86
N GLY A 277 4.04 -18.68 -0.37
CA GLY A 277 3.76 -20.04 0.04
C GLY A 277 3.01 -20.33 1.33
N GLY A 278 2.75 -19.31 2.14
CA GLY A 278 2.05 -19.52 3.40
C GLY A 278 0.59 -19.84 3.23
N ILE A 279 0.04 -20.63 4.16
CA ILE A 279 -1.36 -21.00 4.17
C ILE A 279 -2.09 -20.49 5.43
N LEU A 280 -3.43 -20.55 5.41
CA LEU A 280 -4.21 -20.16 6.58
C LEU A 280 -4.97 -21.35 7.18
N LEU A 281 -4.87 -21.51 8.50
CA LEU A 281 -5.60 -22.56 9.20
C LEU A 281 -6.68 -21.94 10.08
N HIS A 282 -7.79 -22.66 10.23
CA HIS A 282 -8.85 -22.25 11.13
C HIS A 282 -8.34 -22.34 12.56
N PRO A 283 -8.65 -21.32 13.41
CA PRO A 283 -8.06 -21.20 14.74
C PRO A 283 -8.59 -22.19 15.77
N THR A 284 -9.67 -22.90 15.44
CA THR A 284 -10.17 -23.94 16.32
C THR A 284 -9.82 -25.32 15.77
N THR A 285 -10.09 -25.52 14.48
CA THR A 285 -9.97 -26.86 13.89
C THR A 285 -8.56 -27.19 13.44
N GLY A 286 -7.80 -26.18 13.05
CA GLY A 286 -6.43 -26.38 12.59
C GLY A 286 -6.38 -26.94 11.17
N ARG A 287 -7.38 -26.56 10.38
CA ARG A 287 -7.59 -27.10 9.04
C ARG A 287 -7.74 -25.92 8.05
N ARG A 288 -7.26 -26.07 6.81
CA ARG A 288 -7.39 -25.00 5.83
C ARG A 288 -8.86 -24.77 5.52
N PHE A 289 -9.23 -23.56 5.15
CA PHE A 289 -10.64 -23.24 4.95
C PHE A 289 -10.95 -22.39 3.73
N THR A 290 -9.92 -21.89 3.03
CA THR A 290 -10.18 -21.00 1.90
C THR A 290 -8.98 -20.81 0.97
N ASN A 291 -9.26 -20.26 -0.22
CA ASN A 291 -8.21 -19.86 -1.15
C ASN A 291 -7.48 -18.61 -0.65
N GLU A 292 -6.27 -18.81 -0.14
CA GLU A 292 -5.53 -17.73 0.49
C GLU A 292 -5.01 -16.68 -0.48
N LEU A 293 -5.09 -16.95 -1.79
CA LEU A 293 -4.55 -15.99 -2.75
C LEU A 293 -5.58 -15.28 -3.63
N SER A 294 -6.82 -15.15 -3.17
CA SER A 294 -7.79 -14.36 -3.90
C SER A 294 -7.61 -12.87 -3.57
N THR A 295 -8.48 -12.02 -4.12
CA THR A 295 -8.44 -10.59 -3.81
C THR A 295 -8.75 -10.37 -2.33
N ARG A 296 -8.42 -9.20 -1.80
CA ARG A 296 -8.53 -8.96 -0.37
C ARG A 296 -9.97 -8.93 0.15
N ASP A 297 -10.90 -8.47 -0.68
CA ASP A 297 -12.29 -8.41 -0.25
C ASP A 297 -12.83 -9.84 -0.09
N THR A 298 -12.38 -10.75 -0.94
CA THR A 298 -12.83 -12.13 -0.91
C THR A 298 -12.19 -12.96 0.22
N VAL A 299 -10.91 -12.78 0.45
CA VAL A 299 -10.26 -13.50 1.54
C VAL A 299 -10.79 -13.03 2.88
N THR A 300 -11.01 -11.73 3.01
CA THR A 300 -11.51 -11.17 4.26
C THR A 300 -12.92 -11.67 4.53
N MET A 301 -13.75 -11.74 3.49
CA MET A 301 -15.10 -12.24 3.63
C MET A 301 -15.10 -13.70 4.12
N GLU A 302 -14.18 -14.48 3.59
CA GLU A 302 -14.05 -15.89 3.99
C GLU A 302 -13.64 -16.02 5.45
N ILE A 303 -12.68 -15.21 5.88
CA ILE A 303 -12.26 -15.27 7.27
C ILE A 303 -13.41 -14.88 8.19
N GLN A 304 -14.10 -13.81 7.84
CA GLN A 304 -15.12 -13.23 8.71
C GLN A 304 -16.36 -14.13 8.79
N SER A 305 -16.53 -15.00 7.81
CA SER A 305 -17.64 -15.94 7.83
C SER A 305 -17.27 -17.31 8.40
N LYS A 306 -16.07 -17.80 8.10
CA LYS A 306 -15.69 -19.18 8.41
C LYS A 306 -14.92 -19.34 9.73
N CYS A 307 -14.19 -18.29 10.11
CA CYS A 307 -13.53 -18.30 11.41
C CYS A 307 -14.54 -17.76 12.43
N PRO A 308 -14.32 -18.05 13.73
CA PRO A 308 -15.37 -17.75 14.73
C PRO A 308 -15.74 -16.27 14.80
N LYS A 309 -17.04 -15.95 14.89
CA LYS A 309 -17.50 -14.56 15.00
C LYS A 309 -16.74 -13.79 16.06
N ASN A 310 -16.92 -14.23 17.29
CA ASN A 310 -16.07 -13.82 18.37
C ASN A 310 -14.77 -14.57 18.15
N ASP A 311 -13.64 -13.91 18.35
CA ASP A 311 -12.32 -14.49 18.04
C ASP A 311 -12.11 -14.72 16.54
N ASN A 312 -12.36 -13.69 15.73
CA ASN A 312 -12.22 -13.82 14.27
C ASN A 312 -10.78 -13.59 13.83
N ARG A 313 -10.01 -14.68 13.83
CA ARG A 313 -8.61 -14.68 13.45
C ARG A 313 -8.33 -16.00 12.73
N ALA A 314 -7.13 -16.12 12.18
CA ALA A 314 -6.69 -17.36 11.54
C ALA A 314 -5.23 -17.57 11.87
N LEU A 315 -4.74 -18.79 11.66
CA LEU A 315 -3.33 -19.08 11.83
C LEU A 315 -2.65 -19.07 10.46
N LEU A 316 -1.65 -18.21 10.32
CA LEU A 316 -0.84 -18.18 9.10
C LEU A 316 0.37 -19.07 9.33
N VAL A 317 0.46 -20.15 8.57
CA VAL A 317 1.51 -21.14 8.76
C VAL A 317 2.41 -21.16 7.53
N MET A 318 3.71 -21.03 7.76
CA MET A 318 4.67 -20.96 6.66
C MET A 318 5.72 -22.05 6.77
N SER A 319 6.12 -22.61 5.63
CA SER A 319 7.10 -23.70 5.62
C SER A 319 8.54 -23.16 5.64
N ASP A 320 9.50 -24.06 5.85
CA ASP A 320 10.93 -23.72 5.76
C ASP A 320 11.31 -23.06 4.43
N LYS A 321 10.66 -23.49 3.35
CA LYS A 321 10.95 -22.94 2.03
C LYS A 321 10.41 -21.52 1.87
N VAL A 322 9.32 -21.20 2.54
CA VAL A 322 8.88 -19.82 2.56
C VAL A 322 9.94 -19.00 3.30
N TYR A 323 10.39 -19.53 4.44
CA TYR A 323 11.40 -18.86 5.24
C TYR A 323 12.68 -18.57 4.45
N GLU A 324 13.08 -19.50 3.60
CA GLU A 324 14.32 -19.33 2.84
C GLU A 324 14.19 -18.25 1.75
N ASN A 325 12.96 -17.96 1.31
CA ASN A 325 12.77 -16.92 0.30
C ASN A 325 12.23 -15.59 0.82
N TYR A 326 12.21 -15.45 2.15
CA TYR A 326 11.66 -14.26 2.79
C TYR A 326 12.29 -14.17 4.17
N THR A 327 13.58 -14.50 4.23
CA THR A 327 14.30 -14.69 5.48
C THR A 327 14.36 -13.46 6.36
N ASN A 328 14.83 -12.34 5.79
CA ASN A 328 14.95 -11.12 6.56
C ASN A 328 13.59 -10.62 7.07
N ASN A 329 12.56 -10.70 6.24
CA ASN A 329 11.25 -10.23 6.67
C ASN A 329 10.73 -11.07 7.84
N ILE A 330 10.81 -12.39 7.71
CA ILE A 330 10.26 -13.26 8.75
C ILE A 330 11.11 -13.12 10.01
N ASN A 331 12.42 -12.96 9.85
CA ASN A 331 13.26 -12.69 11.01
C ASN A 331 12.76 -11.45 11.77
N PHE A 332 12.41 -10.41 11.03
CA PHE A 332 11.85 -9.23 11.67
C PHE A 332 10.56 -9.54 12.42
N TYR A 333 9.62 -10.22 11.76
CA TYR A 333 8.35 -10.55 12.38
C TYR A 333 8.58 -11.39 13.64
N MET A 334 9.54 -12.30 13.58
CA MET A 334 9.88 -13.09 14.76
C MET A 334 10.44 -12.21 15.89
N SER A 335 11.23 -11.20 15.54
CA SER A 335 11.78 -10.30 16.55
C SER A 335 10.69 -9.57 17.32
N LYS A 336 9.54 -9.37 16.68
CA LYS A 336 8.40 -8.72 17.35
C LYS A 336 7.35 -9.70 17.87
N ASN A 337 7.74 -10.97 17.99
CA ASN A 337 6.88 -12.02 18.54
C ASN A 337 5.61 -12.26 17.72
N LEU A 338 5.65 -11.83 16.45
CA LEU A 338 4.50 -11.93 15.56
C LEU A 338 4.44 -13.26 14.82
N ILE A 339 5.61 -13.85 14.61
CA ILE A 339 5.74 -15.19 14.07
C ILE A 339 6.55 -16.00 15.05
N LYS A 340 6.13 -17.24 15.29
CA LYS A 340 6.90 -18.14 16.13
C LYS A 340 7.25 -19.41 15.39
N LYS A 341 8.46 -19.90 15.63
CA LYS A 341 8.91 -21.16 15.07
C LYS A 341 8.55 -22.27 16.03
N VAL A 342 7.80 -23.25 15.56
CA VAL A 342 7.24 -24.24 16.46
C VAL A 342 7.17 -25.61 15.79
N SER A 343 7.28 -26.67 16.57
CA SER A 343 7.08 -28.02 16.04
C SER A 343 5.59 -28.21 15.84
N ILE A 344 5.21 -29.12 14.95
CA ILE A 344 3.81 -29.41 14.73
C ILE A 344 3.12 -29.89 16.01
N ASN A 345 3.80 -30.72 16.80
CA ASN A 345 3.26 -31.16 18.08
C ASN A 345 2.97 -29.99 19.02
N ASP A 346 3.88 -29.03 19.09
CA ASP A 346 3.70 -27.88 19.98
C ASP A 346 2.66 -26.88 19.43
N LEU A 347 2.56 -26.80 18.11
CA LEU A 347 1.57 -25.96 17.45
C LEU A 347 0.16 -26.30 17.90
N ILE A 348 -0.12 -27.61 17.98
CA ILE A 348 -1.42 -28.11 18.41
C ILE A 348 -1.81 -27.60 19.79
N ARG A 349 -0.88 -27.67 20.73
CA ARG A 349 -1.18 -27.30 22.11
C ARG A 349 -1.10 -25.80 22.35
N GLN A 350 -0.08 -25.15 21.78
CA GLN A 350 0.13 -23.73 22.00
C GLN A 350 -0.99 -22.89 21.40
N TYR A 351 -1.73 -23.46 20.45
CA TYR A 351 -2.83 -22.74 19.84
C TYR A 351 -4.17 -23.45 20.06
N ASP A 352 -4.16 -24.44 20.95
CA ASP A 352 -5.38 -25.09 21.42
C ASP A 352 -6.26 -25.58 20.26
N LEU A 353 -5.67 -26.38 19.37
CA LEU A 353 -6.38 -26.84 18.19
C LEU A 353 -7.05 -28.19 18.47
N GLN A 354 -8.08 -28.52 17.68
CA GLN A 354 -8.78 -29.79 17.86
C GLN A 354 -8.09 -30.92 17.15
N THR A 355 -7.39 -30.59 16.07
CA THR A 355 -6.73 -31.59 15.25
C THR A 355 -5.55 -32.22 15.98
N THR A 356 -5.31 -33.49 15.74
CA THR A 356 -4.10 -34.12 16.22
C THR A 356 -2.93 -33.70 15.33
N ALA A 357 -1.72 -33.83 15.84
CA ALA A 357 -0.53 -33.51 15.05
C ALA A 357 -0.47 -34.38 13.79
N SER A 358 -0.72 -35.67 13.96
CA SER A 358 -0.65 -36.60 12.84
C SER A 358 -1.64 -36.21 11.74
N GLU A 359 -2.81 -35.72 12.16
CA GLU A 359 -3.85 -35.28 11.24
C GLU A 359 -3.41 -34.03 10.47
N LEU A 360 -2.81 -33.08 11.18
CA LEU A 360 -2.32 -31.88 10.53
C LEU A 360 -1.22 -32.24 9.52
N VAL A 361 -0.36 -33.17 9.88
CA VAL A 361 0.68 -33.64 8.96
C VAL A 361 0.07 -34.17 7.64
N THR A 362 -0.93 -35.04 7.76
CA THR A 362 -1.65 -35.59 6.62
C THR A 362 -2.15 -34.49 5.69
N GLU A 363 -2.75 -33.47 6.30
CA GLU A 363 -3.21 -32.30 5.58
C GLU A 363 -2.11 -31.52 4.83
N LEU A 364 -1.06 -31.14 5.55
CA LEU A 364 0.03 -30.35 4.98
C LEU A 364 0.60 -31.06 3.76
N LYS A 365 0.70 -32.38 3.87
CA LYS A 365 1.20 -33.21 2.78
C LYS A 365 0.32 -33.17 1.54
N SER A 366 -0.99 -33.33 1.72
CA SER A 366 -1.89 -33.33 0.57
C SER A 366 -1.99 -31.93 -0.04
N TYR A 367 -1.90 -30.88 0.78
CA TYR A 367 -1.84 -29.52 0.22
C TYR A 367 -0.61 -29.40 -0.65
N SER A 368 0.50 -29.95 -0.16
CA SER A 368 1.81 -29.81 -0.78
C SER A 368 1.93 -30.68 -2.03
N ASP A 369 1.11 -31.74 -2.07
CA ASP A 369 1.03 -32.58 -3.25
C ASP A 369 0.25 -31.84 -4.34
N VAL A 370 0.98 -31.36 -5.34
CA VAL A 370 0.41 -30.53 -6.39
C VAL A 370 -0.04 -31.42 -7.54
N ASN A 371 -0.02 -32.73 -7.30
CA ASN A 371 -0.65 -33.69 -8.20
C ASN A 371 -2.02 -34.07 -7.64
N THR A 372 -2.32 -33.49 -6.48
CA THR A 372 -3.60 -33.66 -5.83
C THR A 372 -4.37 -32.35 -5.93
N LYS A 373 -5.67 -32.45 -6.23
CA LYS A 373 -6.51 -31.27 -6.41
C LYS A 373 -6.54 -30.40 -5.16
N ASP A 374 -6.47 -29.08 -5.34
CA ASP A 374 -6.52 -28.16 -4.21
C ASP A 374 -7.96 -27.89 -3.81
N THR A 375 -8.28 -28.24 -2.57
CA THR A 375 -9.63 -28.10 -2.01
C THR A 375 -10.27 -26.74 -2.28
N PHE A 376 -9.45 -25.70 -2.37
CA PHE A 376 -9.97 -24.35 -2.46
C PHE A 376 -9.43 -23.57 -3.66
N ASP A 377 -8.93 -24.27 -4.67
CA ASP A 377 -8.66 -23.66 -5.98
C ASP A 377 -7.48 -22.67 -6.04
N ARG A 378 -6.51 -22.79 -5.13
CA ARG A 378 -5.38 -21.86 -5.12
C ARG A 378 -4.58 -21.87 -6.42
N PRO A 379 -4.41 -20.67 -7.04
CA PRO A 379 -3.78 -20.52 -8.37
C PRO A 379 -2.25 -20.69 -8.38
N LEU A 380 -1.61 -20.62 -7.22
CA LEU A 380 -0.16 -20.75 -7.16
C LEU A 380 0.25 -21.41 -5.84
N ILE A 381 0.90 -22.57 -5.94
CA ILE A 381 1.44 -23.25 -4.77
C ILE A 381 2.95 -23.47 -4.93
N ILE A 382 3.73 -22.57 -4.33
CA ILE A 382 5.18 -22.70 -4.27
C ILE A 382 5.63 -22.74 -2.82
N ASN A 383 6.87 -23.20 -2.59
CA ASN A 383 7.45 -23.29 -1.26
C ASN A 383 6.51 -23.89 -0.23
N ALA A 384 5.94 -25.05 -0.55
CA ALA A 384 5.07 -25.77 0.38
C ALA A 384 5.89 -26.61 1.35
N PHE A 385 5.25 -27.60 1.96
CA PHE A 385 5.88 -28.36 3.05
C PHE A 385 6.61 -29.61 2.57
N ASP A 386 7.57 -30.06 3.38
CA ASP A 386 8.36 -31.26 3.11
C ASP A 386 7.48 -32.51 2.99
N LYS A 387 7.76 -33.34 1.99
CA LYS A 387 6.98 -34.55 1.77
C LYS A 387 7.06 -35.53 2.93
N ASP A 388 8.16 -35.50 3.67
CA ASP A 388 8.32 -36.37 4.82
C ASP A 388 8.24 -35.58 6.12
N ILE A 389 7.48 -34.49 6.11
CA ILE A 389 7.25 -33.69 7.31
C ILE A 389 6.62 -34.59 8.37
N SER A 390 7.07 -34.47 9.62
CA SER A 390 6.52 -35.29 10.70
C SER A 390 6.00 -34.41 11.81
N THR A 391 5.47 -35.01 12.87
CA THR A 391 4.86 -34.25 13.95
C THR A 391 5.87 -33.35 14.66
N GLU A 392 7.15 -33.70 14.58
CA GLU A 392 8.17 -32.93 15.27
C GLU A 392 8.89 -31.96 14.34
N SER A 393 8.47 -31.91 13.08
CA SER A 393 9.00 -30.94 12.14
C SER A 393 8.53 -29.54 12.52
N THR A 394 9.37 -28.55 12.27
CA THR A 394 9.03 -27.19 12.65
C THR A 394 8.40 -26.43 11.49
N VAL A 395 7.46 -25.55 11.82
CA VAL A 395 6.90 -24.60 10.86
C VAL A 395 6.89 -23.22 11.49
N TYR A 396 6.59 -22.20 10.69
CA TYR A 396 6.47 -20.83 11.18
C TYR A 396 4.99 -20.45 11.26
N VAL A 397 4.58 -19.91 12.42
CA VAL A 397 3.17 -19.58 12.63
C VAL A 397 2.96 -18.18 13.18
N GLY A 398 1.94 -17.50 12.66
CA GLY A 398 1.50 -16.20 13.16
C GLY A 398 -0.01 -16.22 13.30
N GLU A 399 -0.55 -15.32 14.12
CA GLU A 399 -1.97 -15.14 14.24
C GLU A 399 -2.33 -13.90 13.46
N VAL A 400 -3.33 -14.00 12.58
CA VAL A 400 -3.73 -12.87 11.74
C VAL A 400 -5.23 -12.60 11.78
N THR A 401 -5.60 -11.34 11.54
CA THR A 401 -6.98 -10.92 11.62
C THR A 401 -7.23 -9.78 10.63
N PRO A 402 -8.47 -9.66 10.09
CA PRO A 402 -8.75 -8.60 9.12
C PRO A 402 -8.56 -7.20 9.69
N VAL A 403 -8.07 -6.27 8.86
CA VAL A 403 -7.75 -4.91 9.30
C VAL A 403 -8.08 -3.85 8.25
N VAL A 404 -8.61 -2.72 8.69
CA VAL A 404 -8.75 -1.57 7.80
C VAL A 404 -7.36 -1.17 7.31
N HIS A 405 -7.20 -1.05 5.99
CA HIS A 405 -5.86 -0.94 5.40
C HIS A 405 -5.71 0.20 4.38
N PHE A 406 -6.72 0.40 3.54
CA PHE A 406 -6.53 1.30 2.41
C PHE A 406 -7.86 1.88 1.98
N THR A 407 -7.87 3.14 1.60
CA THR A 407 -9.12 3.75 1.15
C THR A 407 -9.06 4.06 -0.34
N MET A 408 -9.78 3.27 -1.14
CA MET A 408 -9.73 3.40 -2.60
C MET A 408 -10.36 4.69 -3.10
N GLY A 409 -11.30 5.23 -2.34
CA GLY A 409 -11.92 6.48 -2.70
C GLY A 409 -11.02 7.67 -2.39
N GLY A 410 -11.46 8.84 -2.81
CA GLY A 410 -10.71 10.06 -2.55
C GLY A 410 -11.13 11.12 -3.55
N VAL A 411 -10.30 12.15 -3.70
CA VAL A 411 -10.61 13.21 -4.65
C VAL A 411 -10.46 12.72 -6.08
N LYS A 412 -11.42 13.09 -6.91
CA LYS A 412 -11.39 12.73 -8.32
C LYS A 412 -10.27 13.46 -9.04
N ILE A 413 -9.42 12.73 -9.76
CA ILE A 413 -8.38 13.36 -10.56
C ILE A 413 -8.55 12.99 -12.04
N ASN A 414 -7.91 13.76 -12.91
CA ASN A 414 -7.82 13.37 -14.31
C ASN A 414 -6.43 12.80 -14.60
N GLU A 415 -6.17 12.56 -15.88
CA GLU A 415 -4.95 11.88 -16.32
C GLU A 415 -3.70 12.74 -16.13
N LYS A 416 -3.91 14.02 -15.76
CA LYS A 416 -2.83 14.96 -15.53
C LYS A 416 -2.61 15.13 -14.02
N SER A 417 -3.33 14.36 -13.21
CA SER A 417 -3.27 14.40 -11.74
C SER A 417 -3.89 15.68 -11.21
N GLN A 418 -4.70 16.32 -12.05
CA GLN A 418 -5.41 17.53 -11.64
C GLN A 418 -6.69 17.17 -10.92
N VAL A 419 -6.98 17.90 -9.85
CA VAL A 419 -8.20 17.69 -9.08
C VAL A 419 -9.41 18.24 -9.82
N ILE A 420 -10.44 17.43 -9.92
CA ILE A 420 -11.63 17.74 -10.71
C ILE A 420 -12.70 18.42 -9.86
N LYS A 421 -13.26 19.50 -10.40
CA LYS A 421 -14.31 20.24 -9.73
C LYS A 421 -15.56 19.38 -9.56
N LYS A 422 -16.31 19.62 -8.49
CA LYS A 422 -17.56 18.91 -8.25
C LYS A 422 -18.58 19.15 -9.38
N ASN A 423 -19.24 18.07 -9.82
CA ASN A 423 -20.27 18.11 -10.86
C ASN A 423 -19.80 18.67 -12.21
N SER A 424 -18.56 18.35 -12.57
CA SER A 424 -17.90 18.97 -13.71
C SER A 424 -16.79 18.05 -14.21
N GLU A 425 -16.28 18.32 -15.41
CA GLU A 425 -15.08 17.62 -15.87
C GLU A 425 -13.94 18.62 -15.97
N SER A 426 -14.23 19.87 -15.64
CA SER A 426 -13.19 20.88 -15.57
C SER A 426 -12.41 20.76 -14.25
N VAL A 427 -11.18 21.23 -14.27
CA VAL A 427 -10.40 21.21 -13.05
C VAL A 427 -10.92 22.27 -12.07
N LEU A 428 -10.86 21.96 -10.79
CA LEU A 428 -11.20 22.91 -9.73
C LEU A 428 -10.33 24.15 -9.81
N SER A 429 -9.03 23.93 -9.99
CA SER A 429 -8.09 25.03 -10.11
C SER A 429 -6.90 24.58 -10.94
N ASN A 430 -6.39 25.50 -11.75
CA ASN A 430 -5.19 25.30 -12.56
C ASN A 430 -3.99 24.87 -11.72
N GLY A 431 -4.03 25.17 -10.43
CA GLY A 431 -2.88 24.95 -9.57
C GLY A 431 -3.06 23.87 -8.52
N ILE A 432 -4.16 23.11 -8.60
CA ILE A 432 -4.41 22.05 -7.61
C ILE A 432 -4.34 20.66 -8.23
N PHE A 433 -3.42 19.86 -7.69
CA PHE A 433 -3.14 18.50 -8.13
C PHE A 433 -3.24 17.56 -6.95
N ALA A 434 -3.42 16.27 -7.21
CA ALA A 434 -3.37 15.29 -6.14
C ALA A 434 -2.79 13.97 -6.66
N ALA A 435 -2.15 13.23 -5.78
CA ALA A 435 -1.55 11.97 -6.18
C ALA A 435 -1.52 11.01 -4.99
N GLY A 436 -1.66 9.72 -5.29
CA GLY A 436 -1.59 8.69 -4.25
C GLY A 436 -2.92 8.41 -3.59
N GLU A 437 -2.88 7.91 -2.36
CA GLU A 437 -4.08 7.40 -1.70
C GLU A 437 -5.13 8.48 -1.44
N VAL A 438 -4.72 9.74 -1.39
CA VAL A 438 -5.72 10.78 -1.21
C VAL A 438 -6.71 10.87 -2.38
N SER A 439 -6.34 10.35 -3.55
CA SER A 439 -7.18 10.41 -4.75
C SER A 439 -8.10 9.20 -4.87
N GLY A 440 -9.18 9.37 -5.64
CA GLY A 440 -10.08 8.27 -5.96
C GLY A 440 -10.13 7.95 -7.44
N GLY A 441 -10.64 6.78 -7.78
CA GLY A 441 -10.93 6.46 -9.16
C GLY A 441 -9.91 5.56 -9.86
N VAL A 442 -8.79 5.31 -9.20
CA VAL A 442 -7.76 4.47 -9.80
C VAL A 442 -7.99 2.98 -9.58
N HIS A 443 -8.57 2.60 -8.46
CA HIS A 443 -8.68 1.19 -8.11
C HIS A 443 -10.12 0.65 -8.13
N GLY A 444 -11.10 1.50 -7.92
CA GLY A 444 -12.47 1.00 -7.89
C GLY A 444 -12.79 0.26 -6.60
N ALA A 445 -13.41 -0.92 -6.71
CA ALA A 445 -13.94 -1.61 -5.53
C ALA A 445 -12.87 -2.36 -4.70
N ASN A 446 -11.69 -2.52 -5.26
CA ASN A 446 -10.66 -3.26 -4.56
C ASN A 446 -9.31 -2.90 -5.13
N ARG A 447 -8.33 -2.69 -4.26
CA ARG A 447 -7.01 -2.46 -4.76
C ARG A 447 -6.17 -3.74 -4.76
N LEU A 448 -5.54 -4.02 -5.89
CA LEU A 448 -4.55 -5.09 -5.97
C LEU A 448 -3.36 -4.76 -5.10
N GLY A 449 -2.89 -5.75 -4.35
CA GLY A 449 -1.62 -5.60 -3.63
C GLY A 449 -0.48 -5.19 -4.56
N GLY A 450 0.32 -4.23 -4.12
CA GLY A 450 1.45 -3.77 -4.91
C GLY A 450 1.17 -2.53 -5.76
N SER A 451 -0.10 -2.16 -5.90
CA SER A 451 -0.44 -1.09 -6.83
C SER A 451 -0.57 0.27 -6.15
N SER A 452 -0.47 0.32 -4.84
CA SER A 452 -0.55 1.64 -4.23
C SER A 452 0.82 2.34 -4.27
N LEU A 453 1.92 1.62 -4.01
CA LEU A 453 3.23 2.25 -4.28
C LEU A 453 3.36 2.64 -5.75
N LEU A 454 2.89 1.78 -6.65
CA LEU A 454 2.89 2.08 -8.07
C LEU A 454 2.13 3.36 -8.41
N GLU A 455 0.92 3.47 -7.88
CA GLU A 455 0.09 4.65 -8.10
C GLU A 455 0.81 5.92 -7.71
N CYS A 456 1.50 5.87 -6.56
CA CYS A 456 2.28 7.01 -6.07
C CYS A 456 3.32 7.49 -7.06
N VAL A 457 4.06 6.56 -7.64
CA VAL A 457 5.10 6.91 -8.61
C VAL A 457 4.50 7.40 -9.93
N VAL A 458 3.51 6.67 -10.45
CA VAL A 458 2.90 7.03 -11.73
C VAL A 458 2.26 8.41 -11.64
N PHE A 459 1.43 8.64 -10.63
CA PHE A 459 0.69 9.88 -10.61
C PHE A 459 1.48 11.02 -9.98
N GLY A 460 2.47 10.69 -9.14
CA GLY A 460 3.37 11.70 -8.62
C GLY A 460 4.19 12.29 -9.76
N LYS A 461 4.76 11.42 -10.59
CA LYS A 461 5.51 11.90 -11.76
C LYS A 461 4.63 12.73 -12.67
N THR A 462 3.41 12.28 -12.87
CA THR A 462 2.46 12.97 -13.74
C THR A 462 2.15 14.38 -13.24
N ALA A 463 2.00 14.52 -11.93
CA ALA A 463 1.67 15.83 -11.37
C ALA A 463 2.85 16.75 -11.63
N ALA A 464 4.06 16.25 -11.41
CA ALA A 464 5.25 17.06 -11.61
C ALA A 464 5.40 17.48 -13.08
N ASP A 465 5.22 16.53 -13.99
CA ASP A 465 5.33 16.81 -15.42
C ASP A 465 4.32 17.84 -15.87
N ASN A 466 3.14 17.82 -15.28
CA ASN A 466 2.11 18.74 -15.72
C ASN A 466 2.19 20.11 -15.04
N ILE A 467 2.67 20.16 -13.81
CA ILE A 467 2.98 21.45 -13.21
C ILE A 467 4.10 22.10 -14.03
N ALA A 468 5.04 21.30 -14.52
CA ALA A 468 6.18 21.86 -15.25
C ALA A 468 5.74 22.57 -16.53
N LYS A 469 4.64 22.11 -17.11
CA LYS A 469 4.09 22.72 -18.32
C LYS A 469 3.46 24.08 -18.05
N LEU A 470 3.10 24.31 -16.80
CA LEU A 470 2.33 25.48 -16.39
C LEU A 470 3.16 26.50 -15.59
N TYR A 471 4.23 26.03 -14.96
CA TYR A 471 5.02 26.86 -14.05
C TYR A 471 5.64 28.06 -14.76
C1 SIN B . -0.20 -3.57 -0.40
O1 SIN B . -0.98 -3.03 0.42
O2 SIN B . -0.06 -3.09 -1.55
C2 SIN B . 0.46 -4.86 -0.04
C3 SIN B . 0.34 -4.93 1.47
C4 SIN B . 1.02 -6.17 1.98
O3 SIN B . 0.37 -7.23 2.04
O4 SIN B . 2.21 -6.12 2.37
N1 FMN C . 6.04 -0.84 10.55
C2 FMN C . 4.68 -0.68 10.65
O2 FMN C . 4.23 0.31 11.20
N3 FMN C . 3.82 -1.65 10.16
C4 FMN C . 4.33 -2.74 9.56
O4 FMN C . 3.57 -3.60 9.11
C4A FMN C . 5.71 -2.89 9.44
N5 FMN C . 6.23 -3.99 8.83
C5A FMN C . 7.56 -4.15 8.71
C6 FMN C . 8.07 -5.32 8.07
C7 FMN C . 9.44 -5.50 7.94
C7M FMN C . 9.93 -6.79 7.23
C8 FMN C . 10.33 -4.53 8.45
C8M FMN C . 11.87 -4.64 8.36
C9 FMN C . 9.83 -3.40 9.08
C9A FMN C . 8.43 -3.20 9.21
N10 FMN C . 7.92 -2.09 9.84
C10 FMN C . 6.57 -1.94 9.94
C1' FMN C . 8.68 -0.95 10.42
C2' FMN C . 9.12 -1.13 11.85
O2' FMN C . 8.05 -1.00 12.76
C3' FMN C . 10.16 -0.01 12.21
O3' FMN C . 9.58 1.26 12.04
C4' FMN C . 11.36 -0.11 11.34
O4' FMN C . 11.90 -1.42 11.43
C5' FMN C . 12.39 0.94 11.85
O5' FMN C . 12.98 0.48 13.07
P FMN C . 12.92 1.40 14.42
O1P FMN C . 11.76 0.96 15.30
O2P FMN C . 14.24 1.19 15.19
O3P FMN C . 12.74 2.89 14.05
PA FAD D . 1.28 8.20 2.74
O1A FAD D . 2.43 7.32 2.52
O2A FAD D . 0.40 7.72 3.84
O5B FAD D . 1.84 9.64 3.16
C5B FAD D . 0.89 10.71 3.34
C4B FAD D . 1.58 11.84 4.16
O4B FAD D . 0.79 12.89 4.18
C3B FAD D . 1.79 11.37 5.62
O3B FAD D . 3.14 11.41 6.02
C2B FAD D . 0.93 12.37 6.38
O2B FAD D . 1.48 12.60 7.78
C1B FAD D . 0.92 13.46 5.63
N9A FAD D . -0.25 14.23 5.88
C8A FAD D . -1.51 13.75 6.13
N7A FAD D . -2.35 14.79 6.36
C5A FAD D . -1.58 15.91 6.24
C6A FAD D . -1.90 17.22 6.37
N6A FAD D . -3.16 17.87 6.69
N1A FAD D . -0.95 18.17 6.21
C2A FAD D . 0.34 17.83 5.92
N3A FAD D . 0.69 16.51 5.79
C4A FAD D . -0.29 15.57 5.95
N1 FAD D . 1.45 -0.61 -0.98
C2 FAD D . 2.07 -1.42 -2.04
O2 FAD D . 1.92 -1.08 -3.22
N3 FAD D . 2.80 -2.61 -1.64
C4 FAD D . 2.91 -2.95 -0.25
O4 FAD D . 3.48 -3.90 0.03
C4X FAD D . 2.25 -2.10 0.80
N5 FAD D . 2.33 -2.43 2.20
C5X FAD D . 1.68 -1.53 3.20
C6 FAD D . 1.74 -1.82 4.59
C7 FAD D . 1.12 -0.98 5.52
C7M FAD D . 1.40 -1.62 6.91
C8 FAD D . 0.42 0.17 5.08
C8M FAD D . -0.23 1.02 6.22
C9 FAD D . 0.35 0.45 3.71
C9A FAD D . 0.98 -0.41 2.79
N10 FAD D . 0.88 -0.08 1.38
C10 FAD D . 1.53 -0.93 0.40
C1' FAD D . 0.15 1.16 0.98
C2' FAD D . 1.28 2.15 0.52
O2' FAD D . 2.48 1.80 1.15
C3' FAD D . 1.02 3.61 0.81
O3' FAD D . 0.51 3.80 2.10
C4' FAD D . 0.08 4.16 -0.27
O4' FAD D . 0.69 4.02 -1.49
C5' FAD D . -0.22 5.66 -0.03
O5' FAD D . 0.95 6.45 -0.17
P FAD D . 0.76 8.05 -0.07
O1P FAD D . 2.00 8.74 -0.50
O2P FAD D . -0.48 8.49 -0.84
O3P FAD D . 0.36 8.38 1.43
#